data_3R6U
#
_entry.id   3R6U
#
_cell.length_a   29.900
_cell.length_b   66.900
_cell.length_c   64.100
_cell.angle_alpha   90.00
_cell.angle_beta   93.60
_cell.angle_gamma   90.00
#
_symmetry.space_group_name_H-M   'P 1 21 1'
#
loop_
_entity.id
_entity.type
_entity.pdbx_description
1 polymer 'Choline-binding protein'
2 non-polymer 'CHOLINE ION'
3 water water
#
_entity_poly.entity_id   1
_entity_poly.type   'polypeptide(L)'
_entity_poly.pdbx_seq_one_letter_code
;CSLPGLSAAADQTIKIGAQSMSESEIIASMLGQLIEHHTDLKTTTIKNLGSNAVQQQALMNGEIDIAATRYTGDALTGTL
RMEPEKDPDKALALTQREFKKRYDLKWYDSYGFDNTYAFTVSKELADQYHLETVSDVKKWAPQLKLGVDNYWMKLKGNGY
QDFTKTYGMTFGGTYPMQIGLVYDAVKSGKMDIVLAYSTDGRIKSYGLKMLKDDKQFFPPYDCSPVVPEKVLKEHPELEG
IIKKMLGKIDTATMQELNYEVDGNLKEPSVVAKEYLEKHRYFES
;
_entity_poly.pdbx_strand_id   A
#
loop_
_chem_comp.id
_chem_comp.type
_chem_comp.name
_chem_comp.formula
CHT non-polymer 'CHOLINE ION' 'C5 H14 N O 1'
#
# COMPACT_ATOMS: atom_id res chain seq x y z
N GLN A 12 -3.23 22.90 13.92
CA GLN A 12 -2.60 23.55 15.05
C GLN A 12 -1.71 22.73 15.85
N THR A 13 -0.82 21.95 15.26
CA THR A 13 -0.53 21.58 13.89
C THR A 13 -0.72 20.06 13.97
N ILE A 14 -1.35 19.49 12.96
CA ILE A 14 -1.54 18.05 12.86
C ILE A 14 -0.48 17.42 11.94
N LYS A 15 0.34 16.50 12.51
CA LYS A 15 1.39 15.90 11.76
C LYS A 15 0.96 14.60 11.07
N ILE A 16 1.03 14.52 9.73
CA ILE A 16 0.49 13.34 9.03
C ILE A 16 1.68 12.58 8.42
N GLY A 17 1.77 11.30 8.78
CA GLY A 17 2.89 10.43 8.33
C GLY A 17 2.62 9.78 7.00
N ALA A 18 3.69 9.74 6.18
CA ALA A 18 3.70 9.03 4.92
C ALA A 18 4.78 8.02 4.84
N GLN A 19 4.45 6.79 4.44
CA GLN A 19 5.41 5.74 4.10
C GLN A 19 6.17 6.17 2.80
N SER A 20 7.35 5.58 2.57
N SER A 20 7.34 5.57 2.57
CA SER A 20 8.14 5.82 1.38
CA SER A 20 8.09 5.74 1.31
C SER A 20 7.59 5.24 0.05
C SER A 20 7.45 5.02 0.14
N MET A 21 6.31 5.59 -0.27
CA MET A 21 5.59 5.18 -1.52
C MET A 21 4.95 6.44 -2.06
N SER A 22 4.88 6.54 -3.42
CA SER A 22 4.18 7.67 -4.05
C SER A 22 2.72 7.74 -3.52
N GLU A 23 2.08 6.57 -3.39
CA GLU A 23 0.70 6.50 -2.96
C GLU A 23 0.49 7.18 -1.58
N SER A 24 1.40 6.88 -0.63
CA SER A 24 1.26 7.41 0.70
C SER A 24 1.47 8.94 0.71
N GLU A 25 2.40 9.41 -0.12
CA GLU A 25 2.59 10.86 -0.26
C GLU A 25 1.36 11.56 -0.86
N ILE A 26 0.78 10.96 -1.88
CA ILE A 26 -0.43 11.57 -2.48
C ILE A 26 -1.62 11.68 -1.43
N ILE A 27 -1.89 10.57 -0.71
CA ILE A 27 -2.99 10.51 0.22
C ILE A 27 -2.75 11.39 1.41
N ALA A 28 -1.49 11.38 1.91
CA ALA A 28 -1.18 12.29 3.05
C ALA A 28 -1.35 13.74 2.70
N SER A 29 -0.91 14.13 1.49
CA SER A 29 -1.12 15.54 1.06
C SER A 29 -2.63 15.85 0.84
N MET A 30 -3.37 14.90 0.27
CA MET A 30 -4.86 15.05 0.00
C MET A 30 -5.62 15.24 1.36
N LEU A 31 -5.35 14.39 2.34
CA LEU A 31 -5.96 14.54 3.68
C LEU A 31 -5.59 15.84 4.37
N GLY A 32 -4.30 16.25 4.30
CA GLY A 32 -3.88 17.50 4.93
C GLY A 32 -4.59 18.71 4.28
N GLN A 33 -4.68 18.69 2.93
CA GLN A 33 -5.37 19.76 2.18
C GLN A 33 -6.88 19.79 2.54
N LEU A 34 -7.49 18.62 2.73
CA LEU A 34 -8.88 18.56 3.07
C LEU A 34 -9.16 19.12 4.50
N ILE A 35 -8.29 18.76 5.47
CA ILE A 35 -8.39 19.31 6.81
C ILE A 35 -8.27 20.87 6.77
N GLU A 36 -7.30 21.39 5.99
CA GLU A 36 -7.07 22.86 5.93
C GLU A 36 -8.25 23.52 5.21
N HIS A 37 -8.89 22.82 4.29
CA HIS A 37 -10.12 23.37 3.59
C HIS A 37 -11.31 23.60 4.55
N HIS A 38 -11.45 22.72 5.54
CA HIS A 38 -12.54 22.74 6.44
C HIS A 38 -12.38 23.45 7.76
N THR A 39 -11.13 23.56 8.26
CA THR A 39 -10.85 23.93 9.62
C THR A 39 -9.71 24.96 9.69
N ASP A 40 -9.40 25.46 10.91
CA ASP A 40 -8.24 26.33 11.08
C ASP A 40 -6.98 25.60 11.52
N LEU A 41 -7.04 24.26 11.55
CA LEU A 41 -5.81 23.45 11.77
C LEU A 41 -4.78 23.60 10.64
N LYS A 42 -3.52 23.68 11.05
CA LYS A 42 -2.35 23.57 10.18
C LYS A 42 -1.99 22.07 10.10
N THR A 43 -1.43 21.70 8.94
CA THR A 43 -0.94 20.33 8.77
C THR A 43 0.45 20.36 8.23
N THR A 44 1.21 19.35 8.67
CA THR A 44 2.50 19.09 8.05
C THR A 44 2.64 17.61 7.64
N THR A 45 3.54 17.28 6.73
CA THR A 45 3.70 15.87 6.30
C THR A 45 5.04 15.34 6.80
N ILE A 46 5.03 14.21 7.50
CA ILE A 46 6.25 13.54 7.97
C ILE A 46 6.54 12.39 7.00
N LYS A 47 7.47 12.58 6.04
CA LYS A 47 7.74 11.65 4.95
C LYS A 47 8.73 10.57 5.20
N ASN A 48 8.79 9.58 4.28
CA ASN A 48 9.82 8.59 4.32
C ASN A 48 9.83 7.65 5.49
N LEU A 49 8.69 7.46 6.13
CA LEU A 49 8.63 6.38 7.16
C LEU A 49 8.88 5.06 6.45
N GLY A 50 9.72 4.17 6.99
CA GLY A 50 10.13 3.05 6.14
C GLY A 50 9.20 1.87 5.98
N SER A 51 8.24 1.75 6.88
CA SER A 51 7.47 0.48 6.97
C SER A 51 6.27 0.60 7.86
N ASN A 52 5.41 -0.46 7.79
CA ASN A 52 4.31 -0.63 8.77
C ASN A 52 4.75 -0.43 10.24
N ALA A 53 5.90 -1.03 10.61
CA ALA A 53 6.37 -0.94 12.00
C ALA A 53 6.82 0.44 12.41
N VAL A 54 7.49 1.14 11.49
CA VAL A 54 7.81 2.52 11.70
C VAL A 54 6.59 3.39 11.89
N GLN A 55 5.56 3.25 11.04
CA GLN A 55 4.39 4.02 11.26
C GLN A 55 3.71 3.70 12.60
N GLN A 56 3.65 2.41 12.96
CA GLN A 56 3.12 2.00 14.24
C GLN A 56 3.77 2.71 15.42
N GLN A 57 5.10 2.63 15.49
CA GLN A 57 5.73 3.25 16.64
C GLN A 57 5.60 4.77 16.69
N ALA A 58 5.60 5.40 15.50
CA ALA A 58 5.37 6.84 15.41
C ALA A 58 3.98 7.30 15.86
N LEU A 59 2.95 6.44 15.68
CA LEU A 59 1.65 6.71 16.26
C LEU A 59 1.65 6.60 17.79
N MET A 60 2.41 5.64 18.34
CA MET A 60 2.36 5.38 19.77
C MET A 60 3.27 6.33 20.56
N ASN A 61 4.20 6.95 19.88
CA ASN A 61 5.09 7.89 20.60
C ASN A 61 4.90 9.39 20.33
N GLY A 62 3.85 9.75 19.58
CA GLY A 62 3.52 11.12 19.26
C GLY A 62 4.21 11.76 18.09
N GLU A 63 5.06 11.02 17.36
CA GLU A 63 5.74 11.61 16.22
C GLU A 63 4.79 11.99 15.03
N ILE A 64 3.75 11.16 14.86
CA ILE A 64 2.71 11.50 13.93
C ILE A 64 1.41 11.44 14.67
N ASP A 65 0.47 12.30 14.20
CA ASP A 65 -0.89 12.36 14.70
C ASP A 65 -1.88 11.56 13.88
N ILE A 66 -1.56 11.37 12.58
CA ILE A 66 -2.39 10.56 11.65
C ILE A 66 -1.42 9.75 10.82
N ALA A 67 -1.62 8.42 10.64
CA ALA A 67 -0.94 7.67 9.60
C ALA A 67 -1.86 7.64 8.38
N ALA A 68 -1.42 8.28 7.33
CA ALA A 68 -2.31 8.47 6.13
C ALA A 68 -2.68 7.15 5.49
N THR A 69 -1.72 6.23 5.36
CA THR A 69 -1.96 4.98 4.62
C THR A 69 -1.44 3.77 5.39
N ARG A 70 -2.35 3.02 6.02
CA ARG A 70 -1.99 1.74 6.65
C ARG A 70 -2.80 0.61 5.92
N TYR A 71 -2.25 -0.61 5.91
CA TYR A 71 -2.78 -1.71 5.10
C TYR A 71 -3.11 -2.87 5.98
N THR A 72 -4.33 -3.42 5.85
CA THR A 72 -4.65 -4.49 6.87
C THR A 72 -3.68 -5.68 6.87
N GLY A 73 -3.31 -6.19 5.69
CA GLY A 73 -2.35 -7.28 5.62
C GLY A 73 -1.00 -6.99 6.26
N ASP A 74 -0.55 -5.75 6.18
CA ASP A 74 0.75 -5.41 6.84
C ASP A 74 0.56 -5.42 8.37
N ALA A 75 -0.56 -4.92 8.92
CA ALA A 75 -0.72 -4.72 10.33
C ALA A 75 -1.06 -6.11 10.97
N LEU A 76 -1.87 -6.96 10.31
CA LEU A 76 -2.22 -8.27 10.92
C LEU A 76 -1.02 -9.15 11.23
N THR A 77 -0.09 -9.22 10.31
CA THR A 77 1.17 -9.99 10.44
C THR A 77 2.11 -9.22 11.38
N GLY A 78 2.48 -8.03 10.92
CA GLY A 78 3.57 -7.26 11.47
C GLY A 78 3.32 -6.73 12.86
N THR A 79 2.19 -6.06 13.09
CA THR A 79 1.94 -5.39 14.32
C THR A 79 1.24 -6.34 15.30
N LEU A 80 0.12 -6.92 14.90
CA LEU A 80 -0.69 -7.77 15.80
C LEU A 80 -0.18 -9.18 15.99
N ARG A 81 0.70 -9.64 15.12
CA ARG A 81 1.19 -11.05 15.27
C ARG A 81 0.00 -12.02 15.37
N MET A 82 -1.02 -11.77 14.55
CA MET A 82 -2.15 -12.67 14.39
C MET A 82 -1.91 -13.54 13.17
N GLU A 83 -2.63 -14.65 13.09
CA GLU A 83 -2.48 -15.48 11.89
C GLU A 83 -3.23 -14.71 10.79
N PRO A 84 -2.68 -14.65 9.57
CA PRO A 84 -3.31 -13.71 8.64
C PRO A 84 -4.68 -14.14 8.07
N GLU A 85 -5.71 -13.39 8.41
CA GLU A 85 -7.06 -13.67 7.96
C GLU A 85 -7.02 -13.41 6.46
N LYS A 86 -7.66 -14.26 5.67
CA LYS A 86 -7.52 -14.08 4.20
C LYS A 86 -8.74 -13.39 3.57
N ASP A 87 -9.88 -13.27 4.27
CA ASP A 87 -11.06 -12.60 3.69
C ASP A 87 -10.92 -11.08 3.95
N PRO A 88 -11.06 -10.21 2.93
CA PRO A 88 -10.95 -8.73 3.15
C PRO A 88 -11.87 -8.17 4.29
N ASP A 89 -13.20 -8.44 4.28
CA ASP A 89 -14.06 -7.83 5.25
C ASP A 89 -13.69 -8.32 6.69
N LYS A 90 -13.49 -9.62 6.82
CA LYS A 90 -13.10 -10.18 8.13
C LYS A 90 -11.76 -9.61 8.62
N ALA A 91 -10.81 -9.50 7.71
CA ALA A 91 -9.44 -8.96 8.05
C ALA A 91 -9.60 -7.50 8.55
N LEU A 92 -10.41 -6.68 7.85
CA LEU A 92 -10.62 -5.32 8.29
C LEU A 92 -11.33 -5.23 9.67
N ALA A 93 -12.42 -6.00 9.88
CA ALA A 93 -13.05 -5.95 11.16
C ALA A 93 -12.14 -6.41 12.30
N LEU A 94 -11.35 -7.45 12.09
CA LEU A 94 -10.44 -7.92 13.16
C LEU A 94 -9.34 -6.84 13.48
N THR A 95 -8.81 -6.23 12.43
CA THR A 95 -7.83 -5.14 12.58
C THR A 95 -8.48 -3.97 13.35
N GLN A 96 -9.67 -3.52 12.94
CA GLN A 96 -10.30 -2.38 13.66
C GLN A 96 -10.46 -2.68 15.18
N ARG A 97 -11.02 -3.89 15.42
CA ARG A 97 -11.25 -4.32 16.82
C ARG A 97 -9.94 -4.32 17.63
N GLU A 98 -8.92 -5.05 17.14
CA GLU A 98 -7.69 -5.13 17.94
C GLU A 98 -6.94 -3.84 18.03
N PHE A 99 -6.98 -2.97 17.00
CA PHE A 99 -6.29 -1.71 17.15
C PHE A 99 -6.88 -0.84 18.25
N LYS A 100 -8.19 -0.80 18.38
CA LYS A 100 -8.84 -0.04 19.44
C LYS A 100 -8.50 -0.67 20.81
N LYS A 101 -8.65 -2.00 20.92
CA LYS A 101 -8.40 -2.70 22.19
C LYS A 101 -6.93 -2.58 22.68
N ARG A 102 -6.02 -2.82 21.77
CA ARG A 102 -4.62 -2.92 22.20
C ARG A 102 -3.92 -1.59 22.31
N TYR A 103 -4.29 -0.67 21.41
CA TYR A 103 -3.51 0.55 21.24
C TYR A 103 -4.25 1.86 21.38
N ASP A 104 -5.59 1.80 21.54
CA ASP A 104 -6.47 2.96 21.55
C ASP A 104 -6.32 3.76 20.24
N LEU A 105 -6.09 2.98 19.19
CA LEU A 105 -6.01 3.62 17.83
C LEU A 105 -7.29 3.35 17.07
N LYS A 106 -7.76 4.37 16.31
CA LYS A 106 -8.95 4.17 15.42
C LYS A 106 -8.46 3.86 13.98
N TRP A 107 -8.72 2.64 13.60
CA TRP A 107 -8.37 2.19 12.20
C TRP A 107 -9.69 2.39 11.40
N TYR A 108 -9.73 3.42 10.54
CA TYR A 108 -10.99 3.75 9.84
C TYR A 108 -11.35 2.73 8.78
N ASP A 109 -12.61 2.83 8.29
CA ASP A 109 -12.93 2.06 7.04
C ASP A 109 -11.99 2.49 5.86
N SER A 110 -11.90 1.64 4.83
CA SER A 110 -11.00 1.86 3.71
C SER A 110 -11.31 3.11 2.91
N TYR A 111 -10.28 3.73 2.35
CA TYR A 111 -10.52 4.72 1.28
C TYR A 111 -11.24 4.15 0.06
N GLY A 112 -11.12 2.83 -0.12
CA GLY A 112 -11.79 2.17 -1.27
C GLY A 112 -10.86 1.33 -2.14
N PHE A 113 -9.54 1.38 -1.89
CA PHE A 113 -8.56 0.64 -2.69
C PHE A 113 -7.73 -0.29 -1.79
N ASP A 114 -7.18 -1.31 -2.44
CA ASP A 114 -6.25 -2.28 -1.77
C ASP A 114 -5.02 -2.30 -2.62
N ASN A 115 -3.85 -2.32 -1.95
CA ASN A 115 -2.59 -2.34 -2.61
C ASN A 115 -1.79 -3.58 -2.22
N THR A 116 -1.96 -4.65 -2.99
CA THR A 116 -1.38 -5.94 -2.60
C THR A 116 -0.06 -6.17 -3.34
N TYR A 117 0.88 -6.90 -2.75
CA TYR A 117 1.98 -7.50 -3.52
C TYR A 117 1.35 -8.37 -4.64
N ALA A 118 1.96 -8.31 -5.82
CA ALA A 118 1.52 -9.09 -6.96
C ALA A 118 2.66 -9.52 -7.83
N PHE A 119 2.74 -10.83 -8.01
CA PHE A 119 3.80 -11.37 -8.90
C PHE A 119 3.43 -10.98 -10.32
N THR A 120 4.35 -10.30 -11.04
CA THR A 120 4.02 -9.68 -12.30
C THR A 120 5.06 -9.99 -13.38
N VAL A 121 4.58 -10.29 -14.59
CA VAL A 121 5.47 -10.61 -15.70
C VAL A 121 5.09 -9.80 -16.90
N SER A 122 5.94 -9.81 -17.93
CA SER A 122 5.55 -9.19 -19.20
C SER A 122 4.44 -9.97 -19.91
N LYS A 123 3.61 -9.30 -20.71
CA LYS A 123 2.60 -10.02 -21.44
C LYS A 123 3.32 -11.05 -22.36
N GLU A 124 4.49 -10.69 -22.92
CA GLU A 124 5.20 -11.63 -23.84
C GLU A 124 5.52 -12.94 -23.14
N LEU A 125 6.10 -12.89 -21.93
CA LEU A 125 6.47 -14.10 -21.20
C LEU A 125 5.24 -14.89 -20.80
N ALA A 126 4.20 -14.18 -20.34
CA ALA A 126 2.97 -14.85 -19.96
C ALA A 126 2.34 -15.61 -21.13
N ASP A 127 2.42 -15.02 -22.32
CA ASP A 127 1.81 -15.61 -23.53
C ASP A 127 2.69 -16.83 -23.99
N GLN A 128 4.03 -16.70 -23.89
CA GLN A 128 4.96 -17.75 -24.37
C GLN A 128 4.83 -19.01 -23.54
N TYR A 129 4.64 -18.85 -22.22
CA TYR A 129 4.65 -19.99 -21.30
C TYR A 129 3.30 -20.27 -20.62
N HIS A 130 2.27 -19.59 -21.13
CA HIS A 130 0.87 -19.74 -20.65
C HIS A 130 0.79 -19.57 -19.12
N LEU A 131 1.32 -18.44 -18.66
CA LEU A 131 1.35 -18.12 -17.23
C LEU A 131 0.09 -17.35 -16.84
N GLU A 132 -0.68 -17.93 -15.90
CA GLU A 132 -1.85 -17.23 -15.34
C GLU A 132 -1.79 -17.06 -13.82
N THR A 133 -1.12 -17.99 -13.16
CA THR A 133 -1.12 -18.09 -11.67
C THR A 133 0.27 -18.21 -11.16
N VAL A 134 0.46 -17.95 -9.85
CA VAL A 134 1.78 -18.18 -9.20
C VAL A 134 2.18 -19.65 -9.29
N SER A 135 1.25 -20.54 -9.02
CA SER A 135 1.56 -22.01 -9.21
C SER A 135 2.05 -22.38 -10.60
N ASP A 136 1.59 -21.70 -11.64
CA ASP A 136 2.09 -21.96 -13.01
C ASP A 136 3.60 -21.66 -13.15
N VAL A 137 4.21 -20.86 -12.28
CA VAL A 137 5.66 -20.60 -12.40
C VAL A 137 6.53 -21.56 -11.63
N LYS A 138 5.91 -22.46 -10.84
CA LYS A 138 6.67 -23.36 -10.01
C LYS A 138 7.75 -24.10 -10.81
N LYS A 139 7.38 -24.68 -11.96
CA LYS A 139 8.36 -25.47 -12.72
C LYS A 139 9.46 -24.64 -13.32
N TRP A 140 9.25 -23.31 -13.41
CA TRP A 140 10.21 -22.41 -14.09
C TRP A 140 11.08 -21.66 -13.11
N ALA A 141 10.75 -21.77 -11.83
CA ALA A 141 11.37 -20.90 -10.79
C ALA A 141 12.92 -20.86 -10.83
N PRO A 142 13.57 -22.04 -10.92
CA PRO A 142 15.05 -22.00 -10.98
C PRO A 142 15.62 -21.21 -12.16
N GLN A 143 14.83 -20.93 -13.19
CA GLN A 143 15.39 -20.24 -14.37
C GLN A 143 14.96 -18.78 -14.47
N LEU A 144 14.24 -18.32 -13.45
CA LEU A 144 13.72 -16.96 -13.47
C LEU A 144 14.52 -15.99 -12.57
N LYS A 145 14.68 -14.78 -13.11
CA LYS A 145 15.22 -13.61 -12.33
C LYS A 145 14.03 -12.81 -11.70
N LEU A 146 13.98 -12.79 -10.37
CA LEU A 146 12.92 -12.00 -9.61
C LEU A 146 13.40 -10.66 -9.04
N GLY A 147 12.71 -9.57 -9.46
CA GLY A 147 13.00 -8.21 -8.91
C GLY A 147 12.04 -7.96 -7.75
N VAL A 148 12.50 -7.34 -6.64
CA VAL A 148 11.64 -7.20 -5.45
C VAL A 148 12.09 -5.94 -4.73
N ASP A 149 11.23 -5.48 -3.80
CA ASP A 149 11.58 -4.28 -3.00
C ASP A 149 12.67 -4.62 -1.96
N ASN A 150 13.16 -3.58 -1.28
CA ASN A 150 14.26 -3.75 -0.34
C ASN A 150 13.87 -4.30 1.09
N TYR A 151 12.62 -4.77 1.30
CA TYR A 151 12.10 -5.32 2.61
C TYR A 151 11.60 -6.75 2.58
N TRP A 152 10.98 -7.15 1.46
CA TRP A 152 10.18 -8.37 1.44
C TRP A 152 11.03 -9.63 1.61
N MET A 153 12.28 -9.61 1.14
CA MET A 153 13.16 -10.81 1.25
C MET A 153 13.32 -11.21 2.73
N LYS A 154 13.22 -10.22 3.65
CA LYS A 154 13.54 -10.46 5.07
C LYS A 154 12.34 -10.32 5.96
N LEU A 155 11.22 -10.07 5.34
CA LEU A 155 9.98 -9.94 6.05
C LEU A 155 9.48 -11.29 6.64
N LYS A 156 9.10 -11.33 7.92
CA LYS A 156 8.70 -12.59 8.58
C LYS A 156 7.28 -13.14 8.35
N GLY A 157 6.28 -12.32 8.07
CA GLY A 157 4.94 -12.88 7.90
C GLY A 157 4.72 -13.62 6.58
N ASN A 158 4.70 -12.84 5.54
CA ASN A 158 4.34 -13.28 4.25
C ASN A 158 5.44 -12.76 3.41
N GLY A 159 6.66 -13.01 3.88
CA GLY A 159 7.81 -12.58 3.15
C GLY A 159 8.28 -13.80 2.37
N TYR A 160 9.46 -13.67 1.77
CA TYR A 160 10.08 -14.71 0.94
C TYR A 160 10.24 -16.05 1.62
N GLN A 161 10.63 -16.05 2.89
CA GLN A 161 10.85 -17.26 3.66
C GLN A 161 9.59 -18.10 3.64
N ASP A 162 8.46 -17.49 4.00
CA ASP A 162 7.24 -18.22 4.08
C ASP A 162 6.71 -18.52 2.68
N PHE A 163 7.00 -17.65 1.71
CA PHE A 163 6.51 -17.87 0.31
C PHE A 163 7.07 -19.20 -0.27
N THR A 164 8.36 -19.40 -0.08
CA THR A 164 9.04 -20.57 -0.66
C THR A 164 8.52 -21.84 0.03
N LYS A 165 8.32 -21.77 1.35
CA LYS A 165 7.71 -22.89 2.02
C LYS A 165 6.28 -23.16 1.55
N THR A 166 5.44 -22.11 1.37
CA THR A 166 4.04 -22.33 0.95
C THR A 166 3.85 -22.80 -0.51
N TYR A 167 4.53 -22.11 -1.41
CA TYR A 167 4.42 -22.45 -2.82
C TYR A 167 5.41 -23.53 -3.22
N GLY A 168 6.44 -23.78 -2.39
CA GLY A 168 7.43 -24.80 -2.76
C GLY A 168 8.31 -24.53 -3.97
N MET A 169 8.73 -23.28 -4.14
CA MET A 169 9.59 -22.95 -5.27
C MET A 169 10.57 -21.88 -4.74
N THR A 170 11.75 -21.86 -5.35
CA THR A 170 12.83 -20.98 -5.01
C THR A 170 13.36 -20.35 -6.33
N PHE A 171 13.38 -19.02 -6.43
CA PHE A 171 13.83 -18.40 -7.67
C PHE A 171 15.35 -18.48 -7.87
N GLY A 172 15.75 -18.54 -9.12
CA GLY A 172 17.17 -18.78 -9.46
C GLY A 172 18.01 -17.55 -9.23
N GLY A 173 17.36 -16.39 -9.19
CA GLY A 173 18.14 -15.17 -8.90
C GLY A 173 17.19 -14.18 -8.30
N THR A 174 17.66 -13.48 -7.27
CA THR A 174 16.87 -12.43 -6.61
C THR A 174 17.58 -11.09 -6.65
N TYR A 175 16.78 -10.02 -6.75
CA TYR A 175 17.29 -8.70 -7.15
C TYR A 175 16.52 -7.61 -6.43
N PRO A 176 16.81 -7.39 -5.11
CA PRO A 176 16.28 -6.27 -4.33
C PRO A 176 16.61 -4.90 -5.00
N MET A 177 15.60 -4.03 -5.10
CA MET A 177 15.77 -2.69 -5.63
C MET A 177 14.68 -1.81 -4.97
N GLN A 178 14.81 -0.48 -5.11
CA GLN A 178 13.73 0.43 -4.69
C GLN A 178 12.48 0.02 -5.44
N ILE A 179 11.32 -0.12 -4.71
CA ILE A 179 10.06 -0.62 -5.33
C ILE A 179 9.87 0.05 -6.67
N GLY A 180 10.14 1.37 -6.72
CA GLY A 180 9.92 2.14 -7.97
C GLY A 180 10.57 1.64 -9.26
N LEU A 181 11.69 0.94 -9.10
CA LEU A 181 12.44 0.46 -10.19
C LEU A 181 12.00 -0.86 -10.86
N VAL A 182 11.14 -1.63 -10.18
CA VAL A 182 10.79 -2.95 -10.74
C VAL A 182 10.01 -2.87 -12.05
N TYR A 183 9.24 -1.81 -12.29
CA TYR A 183 8.36 -1.71 -13.44
C TYR A 183 9.16 -1.65 -14.76
N ASP A 184 10.14 -0.74 -14.82
CA ASP A 184 11.01 -0.75 -15.99
C ASP A 184 11.89 -2.02 -16.04
N ALA A 185 12.27 -2.60 -14.91
CA ALA A 185 13.16 -3.77 -14.93
C ALA A 185 12.44 -4.92 -15.66
N VAL A 186 11.17 -5.13 -15.34
CA VAL A 186 10.45 -6.21 -16.04
C VAL A 186 10.06 -5.91 -17.49
N LYS A 187 9.65 -4.67 -17.80
CA LYS A 187 9.29 -4.29 -19.18
C LYS A 187 10.51 -4.45 -20.08
N SER A 188 11.64 -3.99 -19.59
CA SER A 188 12.88 -4.01 -20.41
C SER A 188 13.39 -5.44 -20.64
N GLY A 189 13.05 -6.35 -19.73
CA GLY A 189 13.43 -7.75 -19.83
C GLY A 189 14.71 -8.03 -19.07
N LYS A 190 15.17 -7.04 -18.29
CA LYS A 190 16.28 -7.23 -17.37
C LYS A 190 15.90 -8.14 -16.19
N MET A 191 14.60 -8.19 -15.83
CA MET A 191 14.08 -9.14 -14.84
C MET A 191 12.99 -9.93 -15.53
N ASP A 192 12.77 -11.16 -15.08
CA ASP A 192 11.70 -12.00 -15.71
C ASP A 192 10.34 -11.90 -14.97
N ILE A 193 10.42 -11.62 -13.67
CA ILE A 193 9.26 -11.56 -12.80
C ILE A 193 9.54 -10.55 -11.68
N VAL A 194 8.53 -9.75 -11.27
CA VAL A 194 8.75 -8.81 -10.17
C VAL A 194 7.61 -8.92 -9.16
N LEU A 195 7.90 -8.64 -7.88
CA LEU A 195 6.83 -8.50 -6.88
C LEU A 195 6.32 -7.05 -6.87
N ALA A 196 5.29 -6.76 -7.69
CA ALA A 196 4.89 -5.35 -7.88
C ALA A 196 3.86 -5.02 -6.83
N TYR A 197 3.47 -3.74 -6.76
CA TYR A 197 2.37 -3.31 -5.95
C TYR A 197 1.18 -3.04 -6.87
N SER A 198 0.06 -3.67 -6.57
CA SER A 198 -1.08 -3.65 -7.49
C SER A 198 -1.67 -2.26 -7.85
N THR A 199 -1.47 -1.24 -7.00
CA THR A 199 -1.92 0.10 -7.42
C THR A 199 -0.94 0.90 -8.24
N ASP A 200 0.25 0.36 -8.57
CA ASP A 200 1.11 1.13 -9.41
C ASP A 200 0.46 1.37 -10.79
N GLY A 201 0.48 2.62 -11.21
CA GLY A 201 -0.10 2.94 -12.50
C GLY A 201 0.68 2.42 -13.71
N ARG A 202 1.96 2.07 -13.53
CA ARG A 202 2.76 1.51 -14.66
C ARG A 202 2.34 0.05 -15.00
N ILE A 203 1.58 -0.62 -14.16
CA ILE A 203 1.22 -2.00 -14.53
C ILE A 203 0.31 -1.95 -15.77
N LYS A 204 -0.70 -1.09 -15.74
CA LYS A 204 -1.56 -0.92 -16.89
C LYS A 204 -0.81 -0.21 -18.04
N SER A 205 0.01 0.81 -17.74
CA SER A 205 0.60 1.63 -18.86
C SER A 205 1.66 0.84 -19.62
N TYR A 206 2.40 0.00 -18.89
CA TYR A 206 3.41 -0.87 -19.51
C TYR A 206 2.80 -2.17 -20.05
N GLY A 207 1.50 -2.41 -19.81
CA GLY A 207 0.83 -3.67 -20.24
C GLY A 207 1.35 -4.93 -19.55
N LEU A 208 1.63 -4.84 -18.27
CA LEU A 208 2.23 -5.95 -17.52
C LEU A 208 1.09 -6.91 -17.14
N LYS A 209 1.43 -8.19 -16.87
CA LYS A 209 0.47 -9.21 -16.41
C LYS A 209 0.72 -9.63 -14.94
N MET A 210 -0.27 -9.37 -14.09
CA MET A 210 -0.29 -9.80 -12.67
C MET A 210 -0.77 -11.25 -12.68
N LEU A 211 -0.07 -12.11 -11.94
CA LEU A 211 -0.39 -13.55 -11.85
C LEU A 211 -1.30 -13.76 -10.67
N LYS A 212 -2.32 -14.60 -10.83
CA LYS A 212 -3.21 -14.82 -9.67
C LYS A 212 -2.52 -15.59 -8.51
N ASP A 213 -2.69 -15.10 -7.27
CA ASP A 213 -2.20 -15.80 -6.08
C ASP A 213 -3.23 -16.95 -5.75
N ASP A 214 -3.02 -18.06 -6.48
CA ASP A 214 -4.03 -19.14 -6.40
C ASP A 214 -4.10 -19.79 -5.02
N LYS A 215 -2.99 -19.82 -4.29
CA LYS A 215 -3.01 -20.40 -2.93
C LYS A 215 -3.57 -19.40 -1.87
N GLN A 216 -3.82 -18.15 -2.30
CA GLN A 216 -4.11 -17.04 -1.37
C GLN A 216 -3.10 -16.96 -0.24
N PHE A 217 -1.84 -17.04 -0.62
CA PHE A 217 -0.72 -16.83 0.28
C PHE A 217 -0.74 -15.42 0.89
N PHE A 218 -1.03 -14.40 0.06
CA PHE A 218 -1.10 -13.02 0.59
C PHE A 218 -2.43 -12.71 1.25
N PRO A 219 -2.39 -12.04 2.41
CA PRO A 219 -3.58 -11.51 3.01
C PRO A 219 -4.11 -10.28 2.16
N PRO A 220 -5.32 -9.82 2.45
CA PRO A 220 -5.88 -8.55 1.87
C PRO A 220 -5.00 -7.34 2.30
N TYR A 221 -4.90 -6.34 1.42
CA TYR A 221 -4.17 -5.10 1.81
C TYR A 221 -5.05 -3.83 1.57
N ASP A 222 -6.26 -3.87 2.10
CA ASP A 222 -7.17 -2.70 2.09
C ASP A 222 -6.55 -1.50 2.85
N CYS A 223 -6.64 -0.32 2.29
CA CYS A 223 -5.96 0.85 2.82
C CYS A 223 -6.80 1.82 3.54
N SER A 224 -6.37 2.20 4.73
CA SER A 224 -7.11 3.17 5.58
C SER A 224 -6.23 4.18 6.29
N PRO A 225 -6.78 5.31 6.73
CA PRO A 225 -6.10 6.16 7.73
C PRO A 225 -6.23 5.62 9.17
N VAL A 226 -5.23 5.89 10.03
CA VAL A 226 -5.27 5.39 11.44
C VAL A 226 -4.92 6.61 12.31
N VAL A 227 -5.69 6.86 13.39
CA VAL A 227 -5.48 8.07 14.25
C VAL A 227 -5.67 7.68 15.73
N PRO A 228 -4.81 8.17 16.64
CA PRO A 228 -5.11 7.92 18.07
C PRO A 228 -6.45 8.50 18.54
N GLU A 229 -7.13 7.78 19.42
CA GLU A 229 -8.38 8.28 20.01
C GLU A 229 -8.12 9.61 20.76
N LYS A 230 -6.93 9.82 21.30
CA LYS A 230 -6.68 11.05 22.03
C LYS A 230 -6.68 12.26 21.10
N VAL A 231 -6.24 12.05 19.85
CA VAL A 231 -6.17 13.11 18.86
C VAL A 231 -7.61 13.47 18.44
N LEU A 232 -8.46 12.45 18.27
CA LEU A 232 -9.86 12.68 17.88
C LEU A 232 -10.65 13.41 18.97
N LYS A 233 -10.42 13.02 20.22
CA LYS A 233 -11.06 13.74 21.37
C LYS A 233 -10.67 15.23 21.42
N GLU A 234 -9.38 15.52 21.22
CA GLU A 234 -8.90 16.93 21.32
C GLU A 234 -9.32 17.76 20.12
N HIS A 235 -9.53 17.10 19.01
CA HIS A 235 -9.92 17.80 17.77
C HIS A 235 -11.18 17.17 17.23
N PRO A 236 -12.34 17.48 17.85
CA PRO A 236 -13.59 16.80 17.52
C PRO A 236 -14.06 17.00 16.08
N GLU A 237 -13.49 17.96 15.36
CA GLU A 237 -13.92 18.11 13.96
C GLU A 237 -13.22 17.11 13.00
N LEU A 238 -12.12 16.48 13.43
CA LEU A 238 -11.35 15.60 12.56
C LEU A 238 -12.12 14.41 12.01
N GLU A 239 -12.89 13.76 12.87
CA GLU A 239 -13.68 12.58 12.48
C GLU A 239 -14.52 12.82 11.22
N GLY A 240 -15.31 13.89 11.25
CA GLY A 240 -16.15 14.28 10.11
C GLY A 240 -15.36 14.60 8.84
N ILE A 241 -14.14 15.10 8.99
CA ILE A 241 -13.33 15.44 7.81
C ILE A 241 -12.81 14.14 7.20
N ILE A 242 -12.21 13.28 8.05
CA ILE A 242 -11.67 12.02 7.55
C ILE A 242 -12.77 11.18 6.85
N LYS A 243 -13.96 11.21 7.40
CA LYS A 243 -15.07 10.44 6.80
C LYS A 243 -15.31 10.83 5.36
N LYS A 244 -15.02 12.12 5.00
CA LYS A 244 -15.32 12.53 3.63
C LYS A 244 -14.51 11.77 2.56
N MET A 245 -13.32 11.24 2.91
CA MET A 245 -12.52 10.49 1.95
C MET A 245 -12.81 8.98 1.92
N LEU A 246 -13.64 8.46 2.85
CA LEU A 246 -13.77 7.02 2.94
C LEU A 246 -14.68 6.43 1.90
N GLY A 247 -14.27 5.31 1.32
CA GLY A 247 -15.14 4.63 0.32
C GLY A 247 -15.24 5.32 -1.04
N LYS A 248 -14.43 6.37 -1.23
CA LYS A 248 -14.51 7.32 -2.40
C LYS A 248 -13.41 7.13 -3.46
N ILE A 249 -12.32 6.39 -3.16
CA ILE A 249 -11.13 6.28 -4.02
C ILE A 249 -10.89 4.79 -4.30
N ASP A 250 -11.39 4.37 -5.46
CA ASP A 250 -11.26 2.97 -5.83
C ASP A 250 -9.91 2.64 -6.42
N THR A 251 -9.62 1.35 -6.63
CA THR A 251 -8.27 1.03 -7.11
C THR A 251 -7.93 1.65 -8.48
N ALA A 252 -8.91 1.75 -9.37
CA ALA A 252 -8.65 2.37 -10.64
C ALA A 252 -8.20 3.83 -10.50
N THR A 253 -8.86 4.55 -9.62
CA THR A 253 -8.54 5.96 -9.33
C THR A 253 -7.13 6.01 -8.71
N MET A 254 -6.84 5.16 -7.74
CA MET A 254 -5.54 5.26 -7.07
C MET A 254 -4.40 4.99 -8.07
N GLN A 255 -4.60 4.03 -9.00
CA GLN A 255 -3.59 3.77 -10.02
C GLN A 255 -3.36 5.04 -10.91
N GLU A 256 -4.44 5.73 -11.29
CA GLU A 256 -4.32 6.98 -12.11
C GLU A 256 -3.53 8.05 -11.38
N LEU A 257 -3.80 8.16 -10.07
CA LEU A 257 -3.06 9.18 -9.30
C LEU A 257 -1.61 8.81 -9.14
N ASN A 258 -1.31 7.55 -8.83
CA ASN A 258 0.10 7.09 -8.84
C ASN A 258 0.81 7.34 -10.17
N TYR A 259 0.08 7.11 -11.30
CA TYR A 259 0.63 7.34 -12.65
C TYR A 259 1.04 8.84 -12.78
N GLU A 260 0.20 9.76 -12.29
CA GLU A 260 0.49 11.19 -12.44
C GLU A 260 1.78 11.54 -11.78
N VAL A 261 2.07 10.93 -10.59
CA VAL A 261 3.39 11.08 -10.01
C VAL A 261 4.51 10.33 -10.72
N ASP A 262 4.33 9.02 -10.96
CA ASP A 262 5.51 8.25 -11.40
C ASP A 262 5.76 8.31 -12.90
N GLY A 263 4.66 8.48 -13.65
CA GLY A 263 4.71 8.54 -15.13
C GLY A 263 4.66 9.96 -15.69
N ASN A 264 3.79 10.82 -15.13
CA ASN A 264 3.71 12.28 -15.58
C ASN A 264 4.61 13.21 -14.75
N LEU A 265 5.35 12.60 -13.80
CA LEU A 265 6.38 13.27 -13.00
C LEU A 265 5.88 14.57 -12.23
N LYS A 266 4.65 14.50 -11.73
CA LYS A 266 4.10 15.57 -10.91
C LYS A 266 4.45 15.38 -9.44
N GLU A 267 4.55 16.49 -8.72
CA GLU A 267 4.62 16.39 -7.23
C GLU A 267 3.38 15.81 -6.62
N PRO A 268 3.55 14.93 -5.59
CA PRO A 268 2.32 14.38 -4.99
C PRO A 268 1.33 15.45 -4.49
N SER A 269 1.82 16.57 -3.94
CA SER A 269 0.96 17.66 -3.50
C SER A 269 0.14 18.27 -4.66
N VAL A 270 0.75 18.35 -5.84
CA VAL A 270 0.04 18.86 -7.03
C VAL A 270 -1.02 17.87 -7.51
N VAL A 271 -0.66 16.59 -7.61
CA VAL A 271 -1.65 15.53 -7.95
C VAL A 271 -2.85 15.54 -7.01
N ALA A 272 -2.60 15.67 -5.69
CA ALA A 272 -3.67 15.77 -4.71
C ALA A 272 -4.54 16.99 -4.85
N LYS A 273 -3.93 18.14 -5.16
CA LYS A 273 -4.67 19.38 -5.25
C LYS A 273 -5.56 19.33 -6.52
N GLU A 274 -5.01 18.82 -7.61
CA GLU A 274 -5.85 18.75 -8.86
C GLU A 274 -6.99 17.78 -8.71
N TYR A 275 -6.79 16.66 -7.96
CA TYR A 275 -7.93 15.73 -7.76
C TYR A 275 -9.02 16.36 -6.89
N LEU A 276 -8.63 16.98 -5.80
CA LEU A 276 -9.56 17.62 -4.92
C LEU A 276 -10.32 18.71 -5.67
N GLU A 277 -9.64 19.46 -6.55
CA GLU A 277 -10.38 20.47 -7.33
C GLU A 277 -11.35 19.84 -8.32
N LYS A 278 -10.92 18.83 -9.03
CA LYS A 278 -11.83 18.15 -9.95
C LYS A 278 -13.08 17.59 -9.30
N HIS A 279 -12.93 17.05 -8.12
CA HIS A 279 -14.02 16.36 -7.41
C HIS A 279 -14.68 17.24 -6.37
N ARG A 280 -14.35 18.54 -6.44
CA ARG A 280 -14.96 19.53 -5.55
C ARG A 280 -14.90 19.18 -4.03
N TYR A 281 -13.72 18.67 -3.67
CA TYR A 281 -13.43 18.33 -2.26
C TYR A 281 -14.46 17.35 -1.68
N PHE A 282 -15.00 16.50 -2.55
CA PHE A 282 -15.91 15.35 -2.14
C PHE A 282 -17.36 15.77 -1.79
N GLU A 283 -17.75 17.02 -2.08
CA GLU A 283 -19.13 17.41 -1.85
C GLU A 283 -19.51 18.47 -2.88
C4 CHT B . 4.15 -2.78 2.13
C5 CHT B . 3.70 -2.67 0.69
C6 CHT B . 2.17 -2.77 -1.08
C7 CHT B . 1.85 -4.39 0.52
C8 CHT B . 1.32 -2.20 1.14
O6 CHT B . 3.65 -1.66 2.92
N1 CHT B . 2.26 -3.00 0.36
#